data_1BFN
#
_entry.id   1BFN
#
_cell.length_a   86.030
_cell.length_b   86.030
_cell.length_c   144.800
_cell.angle_alpha   90.00
_cell.angle_beta   90.00
_cell.angle_gamma   120.00
#
_symmetry.space_group_name_H-M   'P 31 2 1'
#
loop_
_entity.id
_entity.type
_entity.pdbx_description
1 polymer BETA-AMYLASE
2 branched Cycloheptakis-(1-4)-(alpha-D-glucopyranose)
3 non-polymer 'SULFATE ION'
4 water water
#
_entity_poly.entity_id   1
_entity_poly.type   'polypeptide(L)'
_entity_poly.pdbx_seq_one_letter_code
;ATSDSNMLLNYVPVYVMLPLGVVNVDNVFEDPDGLKEQLLQLRAAGVDGVMVDVWWGIIELKGPKQYDWRAYRSLLQLVQ
ECGLTLQAIMSFHQCGGNVGDIVNIPIPQWVLDIGESNHDIFYTNRSGTRNKEYLTVGVDNEPIFHGRTAIEIYSDYMKS
FRENMSDFLESGLIIDIEVGLGPAGELRYPSYPQSQGWEFPGIGEFQCYDKYLKADFKAAVARAGHPEWELPDDAGKYND
VPESTGFFKSNGTYVTEKGKFFLTWYSNKLLNHGDQILDEANKAFLGCKVKLAIKVSGIHWWYKVENHAAELTAGYYNLN
DRDGYRPIARMLSRHHAILNFTCLEMRDSEQPSDAKSGPQELVQQVLSGGWREDIRVAGENALPRYDATAYNQIILNARP
QGVNNNGPPKLSMFGVTYLRLSDDLLQKSNFNIFKKFVLKMHADQDYCANPQKYNHAITPLKPSAPKIPIEVLLEATKPT
LPFPWLPETDMKVDG
;
_entity_poly.pdbx_strand_id   A
#
# COMPACT_ATOMS: atom_id res chain seq x y z
N ASN A 6 12.09 29.08 4.57
CA ASN A 6 11.47 29.05 5.89
C ASN A 6 11.53 27.63 6.43
N MET A 7 11.38 27.53 7.76
CA MET A 7 11.31 26.25 8.42
C MET A 7 10.04 25.52 8.05
N LEU A 8 8.99 26.26 7.67
CA LEU A 8 7.72 25.69 7.29
C LEU A 8 7.85 24.92 5.97
N LEU A 9 8.89 25.21 5.19
CA LEU A 9 9.18 24.41 4.01
C LEU A 9 9.73 23.03 4.39
N ASN A 10 10.05 22.82 5.68
CA ASN A 10 10.46 21.54 6.24
C ASN A 10 9.31 20.69 6.82
N TYR A 11 8.07 21.21 6.77
CA TYR A 11 6.89 20.58 7.36
C TYR A 11 6.44 19.36 6.58
N VAL A 12 6.36 18.22 7.29
CA VAL A 12 5.82 17.00 6.73
C VAL A 12 4.50 16.72 7.47
N PRO A 13 3.34 16.59 6.77
CA PRO A 13 2.05 16.34 7.41
C PRO A 13 1.88 14.95 7.97
N VAL A 14 1.11 14.88 9.05
CA VAL A 14 0.85 13.67 9.79
C VAL A 14 -0.66 13.43 9.74
N TYR A 15 -1.02 12.21 9.33
CA TYR A 15 -2.41 11.76 9.26
C TYR A 15 -2.56 10.59 10.23
N VAL A 16 -3.74 10.28 10.74
CA VAL A 16 -3.91 9.16 11.63
C VAL A 16 -4.94 8.26 10.99
N MET A 17 -4.70 6.95 11.01
CA MET A 17 -5.63 5.99 10.47
C MET A 17 -6.75 5.85 11.48
N LEU A 18 -8.01 5.86 10.99
CA LEU A 18 -9.19 5.74 11.83
C LEU A 18 -9.37 4.30 12.31
N PRO A 19 -10.14 3.99 13.36
CA PRO A 19 -10.40 2.64 13.81
C PRO A 19 -11.03 1.83 12.72
N LEU A 20 -10.75 0.53 12.75
CA LEU A 20 -11.33 -0.41 11.81
C LEU A 20 -12.84 -0.54 12.04
N GLY A 21 -13.69 -0.65 11.03
CA GLY A 21 -15.12 -0.82 11.21
C GLY A 21 -15.89 0.38 11.77
N VAL A 22 -15.36 1.60 11.60
CA VAL A 22 -16.03 2.81 12.05
C VAL A 22 -17.40 2.93 11.35
N VAL A 23 -17.54 2.50 10.07
CA VAL A 23 -18.87 2.18 9.60
C VAL A 23 -18.75 0.67 9.41
N ASN A 24 -19.71 0.01 10.03
CA ASN A 24 -19.68 -1.44 10.12
C ASN A 24 -20.15 -2.15 8.88
N VAL A 25 -20.11 -3.48 8.92
CA VAL A 25 -20.48 -4.33 7.78
C VAL A 25 -21.92 -4.15 7.34
N ASP A 26 -22.78 -3.66 8.24
CA ASP A 26 -24.16 -3.37 7.89
C ASP A 26 -24.36 -1.98 7.33
N ASN A 27 -23.30 -1.20 7.10
CA ASN A 27 -23.31 0.15 6.55
C ASN A 27 -24.02 1.16 7.48
N VAL A 28 -23.56 1.08 8.74
CA VAL A 28 -24.06 1.92 9.81
C VAL A 28 -22.87 2.61 10.44
N PHE A 29 -22.88 3.95 10.48
CA PHE A 29 -21.84 4.69 11.16
C PHE A 29 -22.27 4.57 12.60
N GLU A 30 -21.67 3.60 13.28
CA GLU A 30 -22.09 3.27 14.63
C GLU A 30 -21.97 4.29 15.75
N ASP A 31 -20.81 4.94 15.95
CA ASP A 31 -20.70 5.83 17.08
C ASP A 31 -20.15 7.21 16.75
N PRO A 32 -21.01 8.10 16.22
CA PRO A 32 -20.61 9.44 15.85
C PRO A 32 -20.06 10.26 17.01
N ASP A 33 -20.66 10.05 18.18
CA ASP A 33 -20.32 10.82 19.37
C ASP A 33 -18.96 10.50 19.88
N GLY A 34 -18.70 9.20 19.90
CA GLY A 34 -17.43 8.64 20.36
C GLY A 34 -16.31 9.02 19.42
N LEU A 35 -16.52 8.82 18.10
CA LEU A 35 -15.50 9.19 17.15
C LEU A 35 -15.21 10.66 17.26
N LYS A 36 -16.26 11.48 17.43
CA LYS A 36 -16.11 12.93 17.52
C LYS A 36 -15.21 13.37 18.65
N GLU A 37 -15.32 12.84 19.88
CA GLU A 37 -14.43 13.21 20.98
C GLU A 37 -13.00 12.89 20.59
N GLN A 38 -12.78 11.72 19.98
CA GLN A 38 -11.44 11.33 19.57
C GLN A 38 -10.82 12.24 18.50
N LEU A 39 -11.59 12.56 17.46
CA LEU A 39 -11.16 13.46 16.39
C LEU A 39 -10.78 14.83 16.87
N LEU A 40 -11.53 15.35 17.85
CA LEU A 40 -11.27 16.66 18.40
C LEU A 40 -10.00 16.67 19.24
N GLN A 41 -9.63 15.51 19.80
CA GLN A 41 -8.36 15.34 20.51
C GLN A 41 -7.24 15.43 19.51
N LEU A 42 -7.45 14.81 18.35
CA LEU A 42 -6.46 14.78 17.29
C LEU A 42 -6.26 16.15 16.74
N ARG A 43 -7.34 16.90 16.52
CA ARG A 43 -7.28 18.26 16.01
C ARG A 43 -6.50 19.18 16.95
N ALA A 44 -6.64 19.02 18.27
CA ALA A 44 -5.93 19.84 19.25
C ALA A 44 -4.44 19.53 19.40
N ALA A 45 -4.08 18.27 19.09
CA ALA A 45 -2.71 17.82 19.10
C ALA A 45 -1.97 18.22 17.84
N GLY A 46 -2.62 18.87 16.87
CA GLY A 46 -1.96 19.37 15.67
C GLY A 46 -2.02 18.46 14.45
N VAL A 47 -2.74 17.33 14.52
CA VAL A 47 -2.79 16.37 13.43
C VAL A 47 -3.43 16.98 12.20
N ASP A 48 -2.87 16.73 11.02
CA ASP A 48 -3.39 17.35 9.80
C ASP A 48 -4.61 16.67 9.22
N GLY A 49 -4.75 15.37 9.32
CA GLY A 49 -5.89 14.70 8.74
C GLY A 49 -5.97 13.30 9.23
N VAL A 50 -6.96 12.58 8.70
CA VAL A 50 -7.14 11.18 9.04
C VAL A 50 -7.29 10.33 7.78
N MET A 51 -7.27 9.00 7.91
CA MET A 51 -7.36 8.11 6.76
C MET A 51 -8.41 7.05 7.05
N VAL A 52 -9.17 6.66 6.03
CA VAL A 52 -10.20 5.67 6.26
C VAL A 52 -10.28 4.74 5.06
N ASP A 53 -10.59 3.46 5.34
CA ASP A 53 -10.94 2.50 4.31
C ASP A 53 -12.40 2.65 3.93
N VAL A 54 -12.65 2.66 2.62
CA VAL A 54 -13.98 2.71 2.05
C VAL A 54 -14.15 1.34 1.42
N TRP A 55 -14.64 0.41 2.25
CA TRP A 55 -14.75 -0.99 1.92
C TRP A 55 -15.74 -1.34 0.83
N TRP A 56 -15.32 -1.95 -0.27
CA TRP A 56 -16.19 -2.35 -1.36
C TRP A 56 -17.27 -3.32 -0.88
N GLY A 57 -16.96 -4.18 0.09
CA GLY A 57 -17.89 -5.15 0.65
C GLY A 57 -19.00 -4.53 1.52
N ILE A 58 -18.88 -3.29 1.98
CA ILE A 58 -19.99 -2.58 2.63
C ILE A 58 -20.82 -1.86 1.57
N ILE A 59 -20.21 -1.07 0.69
CA ILE A 59 -20.87 -0.24 -0.28
C ILE A 59 -21.69 -0.90 -1.40
N GLU A 60 -21.08 -1.86 -2.12
CA GLU A 60 -21.77 -2.51 -3.24
C GLU A 60 -22.19 -3.92 -2.86
N LEU A 61 -22.68 -4.04 -1.63
CA LEU A 61 -23.10 -5.32 -1.10
C LEU A 61 -24.33 -5.93 -1.74
N LYS A 62 -25.43 -5.17 -1.94
CA LYS A 62 -26.66 -5.72 -2.47
C LYS A 62 -26.63 -6.32 -3.85
N GLY A 63 -25.82 -5.82 -4.76
CA GLY A 63 -25.76 -6.36 -6.10
C GLY A 63 -24.94 -5.43 -6.97
N PRO A 64 -24.67 -5.74 -8.23
CA PRO A 64 -23.92 -4.88 -9.12
C PRO A 64 -24.50 -3.47 -9.19
N LYS A 65 -23.66 -2.47 -8.99
CA LYS A 65 -23.97 -1.06 -8.95
C LYS A 65 -25.07 -0.62 -7.99
N GLN A 66 -25.27 -1.44 -6.94
CA GLN A 66 -26.18 -1.09 -5.84
C GLN A 66 -25.31 -0.46 -4.75
N TYR A 67 -24.94 0.80 -4.95
CA TYR A 67 -24.09 1.49 -3.99
C TYR A 67 -24.88 2.22 -2.94
N ASP A 68 -24.47 2.11 -1.70
CA ASP A 68 -25.10 2.93 -0.69
C ASP A 68 -23.97 3.71 -0.03
N TRP A 69 -24.01 5.02 -0.27
CA TRP A 69 -22.97 5.91 0.21
C TRP A 69 -23.37 6.69 1.46
N ARG A 70 -24.55 6.45 2.04
CA ARG A 70 -24.99 7.27 3.15
C ARG A 70 -24.20 7.33 4.44
N ALA A 71 -23.83 6.18 5.01
CA ALA A 71 -23.05 6.18 6.26
C ALA A 71 -21.64 6.74 6.04
N TYR A 72 -20.96 6.57 4.89
CA TYR A 72 -19.68 7.21 4.64
C TYR A 72 -19.86 8.71 4.47
N ARG A 73 -21.01 9.18 3.91
CA ARG A 73 -21.29 10.62 3.85
C ARG A 73 -21.42 11.22 5.24
N SER A 74 -22.08 10.59 6.22
CA SER A 74 -22.15 11.11 7.59
C SER A 74 -20.77 11.18 8.27
N LEU A 75 -19.88 10.21 7.96
CA LEU A 75 -18.51 10.15 8.47
C LEU A 75 -17.68 11.31 7.92
N LEU A 76 -17.65 11.48 6.58
CA LEU A 76 -16.96 12.61 5.95
C LEU A 76 -17.48 13.96 6.46
N GLN A 77 -18.79 14.09 6.68
CA GLN A 77 -19.36 15.29 7.27
C GLN A 77 -18.76 15.55 8.65
N LEU A 78 -18.73 14.55 9.53
CA LEU A 78 -18.14 14.74 10.84
C LEU A 78 -16.65 15.06 10.80
N VAL A 79 -15.82 14.45 9.91
CA VAL A 79 -14.38 14.74 9.79
C VAL A 79 -14.22 16.22 9.40
N GLN A 80 -15.06 16.69 8.46
CA GLN A 80 -15.02 18.09 8.04
C GLN A 80 -15.39 19.05 9.18
N GLU A 81 -16.41 18.73 9.98
CA GLU A 81 -16.77 19.57 11.10
C GLU A 81 -15.66 19.65 12.12
N CYS A 82 -14.86 18.59 12.28
CA CYS A 82 -13.74 18.56 13.21
C CYS A 82 -12.46 19.17 12.69
N GLY A 83 -12.45 19.67 11.45
CA GLY A 83 -11.32 20.44 10.92
C GLY A 83 -10.12 19.64 10.45
N LEU A 84 -10.37 18.41 10.02
CA LEU A 84 -9.32 17.52 9.60
C LEU A 84 -9.50 17.23 8.12
N THR A 85 -8.42 17.01 7.35
CA THR A 85 -8.58 16.52 5.97
C THR A 85 -8.66 14.99 5.95
N LEU A 86 -8.84 14.38 4.78
CA LEU A 86 -9.03 12.96 4.71
C LEU A 86 -8.28 12.28 3.56
N GLN A 87 -7.59 11.17 3.80
CA GLN A 87 -7.08 10.31 2.74
C GLN A 87 -8.10 9.16 2.67
N ALA A 88 -8.68 8.89 1.50
CA ALA A 88 -9.67 7.83 1.32
C ALA A 88 -9.08 6.62 0.59
N ILE A 89 -9.20 5.39 1.11
CA ILE A 89 -8.71 4.19 0.44
C ILE A 89 -9.87 3.48 -0.26
N MET A 90 -9.77 3.23 -1.56
CA MET A 90 -10.74 2.46 -2.32
C MET A 90 -10.35 1.02 -2.03
N SER A 91 -10.94 0.48 -0.96
CA SER A 91 -10.59 -0.85 -0.48
C SER A 91 -11.40 -1.96 -1.13
N PHE A 92 -10.76 -2.61 -2.11
CA PHE A 92 -11.38 -3.70 -2.84
C PHE A 92 -10.97 -5.06 -2.32
N HIS A 93 -10.68 -5.12 -1.02
CA HIS A 93 -10.19 -6.31 -0.36
C HIS A 93 -10.97 -6.61 0.91
N GLN A 94 -10.72 -7.78 1.46
CA GLN A 94 -11.40 -8.21 2.66
C GLN A 94 -10.78 -7.62 3.90
N CYS A 95 -11.61 -7.16 4.83
CA CYS A 95 -11.14 -6.74 6.14
C CYS A 95 -11.23 -7.93 7.07
N GLY A 96 -10.15 -8.21 7.80
CA GLY A 96 -10.11 -9.30 8.74
C GLY A 96 -10.30 -10.67 8.13
N GLY A 97 -11.16 -11.41 8.85
CA GLY A 97 -11.62 -12.73 8.45
C GLY A 97 -10.82 -13.89 9.02
N ASN A 98 -9.82 -13.58 9.85
CA ASN A 98 -9.02 -14.62 10.47
C ASN A 98 -9.53 -14.74 11.88
N VAL A 99 -9.18 -15.90 12.42
CA VAL A 99 -9.53 -16.28 13.77
C VAL A 99 -8.87 -15.30 14.73
N GLY A 100 -9.78 -14.69 15.52
CA GLY A 100 -9.37 -13.70 16.48
C GLY A 100 -9.73 -12.30 16.02
N ASP A 101 -10.08 -12.13 14.73
CA ASP A 101 -10.50 -10.85 14.16
C ASP A 101 -11.92 -10.44 14.50
N ILE A 102 -11.76 -9.19 14.93
CA ILE A 102 -12.80 -8.25 15.34
C ILE A 102 -13.83 -7.85 14.31
N VAL A 103 -13.34 -7.18 13.26
CA VAL A 103 -14.21 -6.73 12.21
C VAL A 103 -13.72 -7.49 10.98
N ASN A 104 -14.75 -8.11 10.43
CA ASN A 104 -14.60 -8.97 9.29
C ASN A 104 -15.53 -8.44 8.22
N ILE A 105 -14.98 -7.86 7.15
CA ILE A 105 -15.84 -7.40 6.08
C ILE A 105 -15.35 -8.11 4.83
N PRO A 106 -16.05 -9.15 4.32
CA PRO A 106 -15.72 -9.79 3.04
C PRO A 106 -15.91 -8.88 1.84
N ILE A 107 -15.41 -9.30 0.67
CA ILE A 107 -15.73 -8.60 -0.57
C ILE A 107 -17.22 -8.92 -0.88
N PRO A 108 -17.97 -8.25 -1.76
CA PRO A 108 -19.39 -8.48 -1.97
C PRO A 108 -19.81 -9.92 -2.14
N GLN A 109 -20.85 -10.32 -1.41
CA GLN A 109 -21.43 -11.66 -1.54
C GLN A 109 -21.80 -12.03 -2.98
N TRP A 110 -22.24 -11.09 -3.83
CA TRP A 110 -22.61 -11.42 -5.20
C TRP A 110 -21.36 -11.81 -5.98
N VAL A 111 -20.20 -11.29 -5.58
CA VAL A 111 -18.94 -11.66 -6.22
C VAL A 111 -18.58 -13.04 -5.69
N LEU A 112 -18.72 -13.29 -4.38
CA LEU A 112 -18.44 -14.58 -3.78
C LEU A 112 -19.30 -15.70 -4.36
N ASP A 113 -20.53 -15.38 -4.78
CA ASP A 113 -21.41 -16.37 -5.39
C ASP A 113 -20.91 -16.81 -6.75
N ILE A 114 -20.39 -15.87 -7.54
CA ILE A 114 -19.76 -16.22 -8.80
C ILE A 114 -18.55 -17.11 -8.52
N GLY A 115 -17.84 -16.83 -7.43
CA GLY A 115 -16.69 -17.60 -7.01
C GLY A 115 -17.06 -19.01 -6.60
N GLU A 116 -18.29 -19.24 -6.16
CA GLU A 116 -18.73 -20.60 -5.87
C GLU A 116 -18.77 -21.49 -7.08
N SER A 117 -19.01 -20.91 -8.24
CA SER A 117 -19.03 -21.68 -9.45
C SER A 117 -17.74 -21.56 -10.23
N ASN A 118 -16.91 -20.54 -10.00
CA ASN A 118 -15.65 -20.39 -10.70
C ASN A 118 -14.63 -20.01 -9.63
N HIS A 119 -14.01 -21.03 -9.04
CA HIS A 119 -12.98 -20.84 -8.03
C HIS A 119 -11.71 -20.14 -8.48
N ASP A 120 -11.49 -20.08 -9.80
CA ASP A 120 -10.28 -19.49 -10.33
C ASP A 120 -10.30 -17.98 -10.41
N ILE A 121 -11.33 -17.35 -9.84
CA ILE A 121 -11.33 -15.88 -9.73
C ILE A 121 -10.49 -15.46 -8.51
N PHE A 122 -10.03 -16.40 -7.68
CA PHE A 122 -9.29 -16.12 -6.46
C PHE A 122 -7.82 -16.49 -6.61
N TYR A 123 -6.88 -15.76 -6.01
CA TYR A 123 -5.50 -16.21 -5.99
C TYR A 123 -5.37 -17.63 -5.39
N THR A 124 -4.57 -18.49 -6.01
CA THR A 124 -4.50 -19.91 -5.68
C THR A 124 -3.05 -20.31 -5.52
N ASN A 125 -2.66 -21.03 -4.45
CA ASN A 125 -1.28 -21.51 -4.35
C ASN A 125 -1.10 -22.88 -5.00
N ARG A 126 0.08 -23.51 -4.88
CA ARG A 126 0.33 -24.80 -5.53
C ARG A 126 -0.56 -25.93 -5.03
N SER A 127 -0.91 -25.91 -3.76
CA SER A 127 -1.82 -26.88 -3.14
C SER A 127 -3.29 -26.76 -3.56
N GLY A 128 -3.65 -25.69 -4.29
CA GLY A 128 -5.01 -25.50 -4.76
C GLY A 128 -5.86 -24.72 -3.77
N THR A 129 -5.26 -24.14 -2.72
CA THR A 129 -6.02 -23.31 -1.80
C THR A 129 -6.22 -21.93 -2.42
N ARG A 130 -7.52 -21.65 -2.31
CA ARG A 130 -8.15 -20.44 -2.78
C ARG A 130 -8.11 -19.33 -1.73
N ASN A 131 -7.55 -18.15 -2.01
CA ASN A 131 -7.59 -17.04 -1.07
C ASN A 131 -8.69 -16.14 -1.61
N LYS A 132 -9.65 -15.86 -0.73
CA LYS A 132 -10.82 -15.08 -1.11
C LYS A 132 -10.76 -13.59 -0.78
N GLU A 133 -9.60 -13.08 -0.38
CA GLU A 133 -9.44 -11.70 0.03
C GLU A 133 -9.53 -10.67 -1.03
N TYR A 134 -9.31 -11.10 -2.27
CA TYR A 134 -9.14 -10.19 -3.38
C TYR A 134 -9.28 -10.98 -4.67
N LEU A 135 -9.65 -10.33 -5.75
CA LEU A 135 -9.78 -10.98 -7.02
C LEU A 135 -8.45 -11.06 -7.77
N THR A 136 -8.03 -12.24 -8.28
CA THR A 136 -6.79 -12.39 -9.04
C THR A 136 -6.75 -11.48 -10.26
N VAL A 137 -5.53 -11.02 -10.47
CA VAL A 137 -5.17 -10.21 -11.62
C VAL A 137 -5.51 -10.95 -12.93
N GLY A 138 -5.61 -12.29 -12.91
CA GLY A 138 -6.06 -13.05 -14.07
C GLY A 138 -7.47 -12.69 -14.55
N VAL A 139 -8.36 -12.18 -13.68
CA VAL A 139 -9.71 -11.85 -14.13
C VAL A 139 -9.91 -10.36 -14.34
N ASP A 140 -8.83 -9.58 -14.30
CA ASP A 140 -8.90 -8.13 -14.52
C ASP A 140 -9.65 -7.72 -15.77
N ASN A 141 -9.50 -8.50 -16.85
CA ASN A 141 -10.17 -8.16 -18.11
C ASN A 141 -11.04 -9.27 -18.63
N GLU A 142 -11.50 -10.13 -17.72
CA GLU A 142 -12.44 -11.21 -18.04
C GLU A 142 -13.86 -10.75 -17.73
N PRO A 143 -14.78 -10.75 -18.69
CA PRO A 143 -16.12 -10.17 -18.51
C PRO A 143 -17.05 -11.19 -17.91
N ILE A 144 -16.67 -11.69 -16.73
CA ILE A 144 -17.42 -12.76 -16.12
C ILE A 144 -18.19 -12.35 -14.87
N PHE A 145 -18.23 -11.06 -14.48
CA PHE A 145 -19.03 -10.64 -13.32
C PHE A 145 -20.26 -9.87 -13.79
N HIS A 146 -21.29 -10.66 -14.18
CA HIS A 146 -22.53 -10.22 -14.83
C HIS A 146 -22.26 -9.16 -15.90
N GLY A 147 -21.36 -9.53 -16.81
CA GLY A 147 -21.00 -8.69 -17.95
C GLY A 147 -19.82 -7.76 -17.72
N ARG A 148 -19.40 -7.56 -16.48
CA ARG A 148 -18.26 -6.71 -16.20
C ARG A 148 -17.00 -7.50 -15.90
N THR A 149 -15.90 -6.84 -16.24
CA THR A 149 -14.57 -7.37 -15.91
C THR A 149 -14.22 -6.88 -14.50
N ALA A 150 -13.23 -7.42 -13.78
CA ALA A 150 -12.86 -6.90 -12.46
C ALA A 150 -12.44 -5.44 -12.53
N ILE A 151 -11.71 -4.95 -13.53
CA ILE A 151 -11.35 -3.52 -13.59
C ILE A 151 -12.54 -2.57 -13.85
N GLU A 152 -13.57 -2.97 -14.62
CA GLU A 152 -14.80 -2.18 -14.76
C GLU A 152 -15.54 -2.05 -13.43
N ILE A 153 -15.56 -3.09 -12.57
CA ILE A 153 -16.16 -3.02 -11.24
C ILE A 153 -15.42 -1.96 -10.44
N TYR A 154 -14.08 -1.94 -10.47
CA TYR A 154 -13.28 -1.00 -9.71
C TYR A 154 -13.45 0.41 -10.24
N SER A 155 -13.48 0.54 -11.56
CA SER A 155 -13.67 1.82 -12.21
C SER A 155 -15.04 2.45 -11.89
N ASP A 156 -16.09 1.65 -12.01
CA ASP A 156 -17.44 2.06 -11.70
C ASP A 156 -17.56 2.49 -10.26
N TYR A 157 -16.93 1.76 -9.33
CA TYR A 157 -16.99 2.10 -7.92
C TYR A 157 -16.37 3.48 -7.66
N MET A 158 -15.23 3.75 -8.31
CA MET A 158 -14.54 5.00 -8.09
C MET A 158 -15.30 6.15 -8.74
N LYS A 159 -15.91 5.99 -9.94
CA LYS A 159 -16.74 7.02 -10.53
C LYS A 159 -17.93 7.37 -9.64
N SER A 160 -18.59 6.34 -9.06
CA SER A 160 -19.74 6.57 -8.18
C SER A 160 -19.33 7.28 -6.89
N PHE A 161 -18.16 6.96 -6.33
CA PHE A 161 -17.62 7.66 -5.18
C PHE A 161 -17.43 9.13 -5.58
N ARG A 162 -16.77 9.40 -6.71
CA ARG A 162 -16.52 10.77 -7.15
C ARG A 162 -17.81 11.59 -7.31
N GLU A 163 -18.85 11.02 -7.94
CA GLU A 163 -20.10 11.73 -8.15
C GLU A 163 -20.89 11.97 -6.88
N ASN A 164 -21.04 10.90 -6.09
CA ASN A 164 -21.77 11.02 -4.84
C ASN A 164 -21.04 11.77 -3.72
N MET A 165 -19.70 11.99 -3.78
CA MET A 165 -18.97 12.75 -2.76
C MET A 165 -18.41 14.03 -3.36
N SER A 166 -19.01 14.52 -4.47
CA SER A 166 -18.50 15.69 -5.18
C SER A 166 -18.45 16.93 -4.33
N ASP A 167 -19.37 17.08 -3.40
CA ASP A 167 -19.31 18.23 -2.51
C ASP A 167 -18.13 18.13 -1.56
N PHE A 168 -17.73 16.97 -1.04
CA PHE A 168 -16.54 16.93 -0.18
C PHE A 168 -15.27 17.09 -1.01
N LEU A 169 -15.32 16.69 -2.28
CA LEU A 169 -14.17 16.82 -3.17
C LEU A 169 -13.94 18.26 -3.57
N GLU A 170 -15.03 18.97 -3.88
CA GLU A 170 -14.99 20.37 -4.25
C GLU A 170 -14.50 21.23 -3.11
N SER A 171 -15.04 21.00 -1.89
CA SER A 171 -14.63 21.75 -0.70
C SER A 171 -13.27 21.36 -0.15
N GLY A 172 -12.50 20.48 -0.83
CA GLY A 172 -11.14 20.12 -0.43
C GLY A 172 -10.96 19.27 0.83
N LEU A 173 -11.94 18.44 1.24
CA LEU A 173 -11.78 17.58 2.41
C LEU A 173 -10.80 16.45 2.11
N ILE A 174 -10.89 15.83 0.92
CA ILE A 174 -10.05 14.71 0.53
C ILE A 174 -8.75 15.09 -0.18
N ILE A 175 -7.61 14.85 0.49
CA ILE A 175 -6.25 15.10 0.06
C ILE A 175 -5.89 14.10 -1.03
N ASP A 176 -6.08 12.80 -0.79
CA ASP A 176 -5.77 11.83 -1.79
C ASP A 176 -6.61 10.61 -1.67
N ILE A 177 -6.64 9.97 -2.84
CA ILE A 177 -7.32 8.71 -3.04
C ILE A 177 -6.26 7.63 -3.25
N GLU A 178 -6.19 6.71 -2.30
CA GLU A 178 -5.29 5.59 -2.40
C GLU A 178 -6.05 4.42 -3.04
N VAL A 179 -5.62 3.81 -4.16
CA VAL A 179 -6.43 2.74 -4.68
C VAL A 179 -5.84 1.37 -4.34
N GLY A 180 -6.71 0.62 -3.66
CA GLY A 180 -6.41 -0.73 -3.23
C GLY A 180 -6.16 -1.58 -4.46
N LEU A 181 -5.00 -2.25 -4.42
CA LEU A 181 -4.53 -3.05 -5.56
C LEU A 181 -4.21 -4.53 -5.29
N GLY A 182 -4.54 -4.97 -4.06
CA GLY A 182 -4.38 -6.36 -3.72
C GLY A 182 -4.78 -6.59 -2.30
N PRO A 183 -4.35 -7.74 -1.72
CA PRO A 183 -4.56 -8.12 -0.32
C PRO A 183 -4.11 -6.98 0.59
N ALA A 184 -4.90 -6.66 1.62
CA ALA A 184 -4.58 -5.56 2.51
C ALA A 184 -4.45 -4.23 1.78
N GLY A 185 -4.98 -4.07 0.54
CA GLY A 185 -4.89 -2.84 -0.24
C GLY A 185 -3.56 -2.60 -0.90
N GLU A 186 -2.61 -3.52 -0.70
CA GLU A 186 -1.26 -3.45 -1.25
C GLU A 186 -1.08 -4.13 -2.60
N LEU A 187 -0.25 -3.56 -3.47
CA LEU A 187 0.07 -4.12 -4.77
C LEU A 187 1.10 -5.24 -4.60
N ARG A 188 0.54 -6.44 -4.46
CA ARG A 188 1.28 -7.65 -4.24
C ARG A 188 0.33 -8.84 -4.31
N TYR A 189 0.92 -10.02 -4.28
CA TYR A 189 0.21 -11.27 -4.25
C TYR A 189 0.04 -11.58 -2.77
N PRO A 190 -0.93 -12.42 -2.40
CA PRO A 190 -1.14 -12.86 -1.01
C PRO A 190 -0.18 -13.98 -0.61
N SER A 191 1.11 -13.65 -0.61
CA SER A 191 2.09 -14.68 -0.41
C SER A 191 2.36 -15.08 1.02
N TYR A 192 1.85 -14.34 2.00
CA TYR A 192 2.07 -14.69 3.37
C TYR A 192 0.79 -14.64 4.18
N PRO A 193 -0.18 -15.54 3.92
CA PRO A 193 -1.48 -15.54 4.54
C PRO A 193 -1.46 -16.28 5.88
N GLN A 194 -1.75 -15.48 6.90
CA GLN A 194 -1.88 -16.02 8.23
C GLN A 194 -3.03 -16.99 8.27
N SER A 195 -4.05 -16.80 7.42
CA SER A 195 -5.19 -17.69 7.29
C SER A 195 -4.80 -19.09 6.79
N GLN A 196 -3.62 -19.23 6.18
CA GLN A 196 -3.08 -20.52 5.73
C GLN A 196 -1.87 -21.01 6.51
N GLY A 197 -1.69 -20.44 7.71
CA GLY A 197 -0.64 -20.83 8.63
C GLY A 197 0.70 -20.10 8.52
N TRP A 198 0.94 -19.10 7.65
CA TRP A 198 2.22 -18.42 7.61
C TRP A 198 2.47 -17.74 8.94
N GLU A 199 3.76 -17.78 9.26
CA GLU A 199 4.33 -17.12 10.41
C GLU A 199 5.67 -16.55 9.97
N PHE A 200 5.95 -15.32 10.42
CA PHE A 200 7.21 -14.65 10.14
C PHE A 200 8.34 -15.53 10.67
N PRO A 201 9.47 -15.76 9.98
CA PRO A 201 9.80 -15.17 8.70
C PRO A 201 9.78 -16.18 7.57
N GLY A 202 8.66 -16.90 7.41
CA GLY A 202 8.49 -17.86 6.35
C GLY A 202 8.59 -17.14 5.02
N ILE A 203 9.22 -17.79 4.05
CA ILE A 203 9.44 -17.18 2.75
C ILE A 203 8.16 -16.92 1.97
N GLY A 204 7.05 -17.54 2.37
CA GLY A 204 5.76 -17.38 1.71
C GLY A 204 5.67 -18.26 0.49
N GLU A 205 4.60 -18.13 -0.29
CA GLU A 205 4.46 -18.93 -1.49
C GLU A 205 3.96 -18.12 -2.65
N PHE A 206 4.33 -18.57 -3.85
CA PHE A 206 3.94 -18.00 -5.12
C PHE A 206 2.44 -18.20 -5.29
N GLN A 207 1.75 -17.19 -5.80
CA GLN A 207 0.30 -17.28 -5.89
C GLN A 207 -0.17 -17.15 -7.34
N CYS A 208 0.35 -17.99 -8.23
CA CYS A 208 0.03 -17.86 -9.64
C CYS A 208 -0.59 -19.09 -10.24
N TYR A 209 -1.23 -19.90 -9.40
CA TYR A 209 -1.78 -21.16 -9.84
C TYR A 209 -3.25 -21.17 -10.22
N ASP A 210 -4.02 -20.07 -10.20
CA ASP A 210 -5.38 -20.10 -10.75
C ASP A 210 -5.31 -20.34 -12.25
N LYS A 211 -6.38 -20.80 -12.91
CA LYS A 211 -6.29 -21.19 -14.30
C LYS A 211 -6.00 -20.09 -15.30
N TYR A 212 -6.35 -18.84 -14.98
CA TYR A 212 -6.14 -17.73 -15.90
C TYR A 212 -4.67 -17.38 -15.95
N LEU A 213 -4.01 -17.27 -14.79
CA LEU A 213 -2.59 -16.99 -14.72
C LEU A 213 -1.80 -18.22 -15.17
N LYS A 214 -2.21 -19.47 -14.91
CA LYS A 214 -1.46 -20.65 -15.35
C LYS A 214 -1.44 -20.76 -16.87
N ALA A 215 -2.61 -20.43 -17.42
CA ALA A 215 -2.80 -20.43 -18.84
C ALA A 215 -1.97 -19.35 -19.48
N ASP A 216 -1.92 -18.16 -18.89
CA ASP A 216 -1.16 -17.05 -19.44
C ASP A 216 0.35 -17.35 -19.44
N PHE A 217 0.81 -17.98 -18.37
CA PHE A 217 2.20 -18.35 -18.22
C PHE A 217 2.55 -19.36 -19.30
N LYS A 218 1.71 -20.39 -19.53
CA LYS A 218 2.09 -21.38 -20.50
C LYS A 218 2.14 -20.82 -21.92
N ALA A 219 1.29 -19.81 -22.19
CA ALA A 219 1.25 -19.17 -23.49
C ALA A 219 2.53 -18.36 -23.66
N ALA A 220 2.92 -17.69 -22.59
CA ALA A 220 4.14 -16.88 -22.56
C ALA A 220 5.40 -17.73 -22.67
N VAL A 221 5.51 -18.91 -22.04
CA VAL A 221 6.71 -19.72 -22.20
C VAL A 221 6.74 -20.36 -23.56
N ALA A 222 5.59 -20.68 -24.17
CA ALA A 222 5.59 -21.17 -25.53
C ALA A 222 6.11 -20.09 -26.49
N ARG A 223 5.76 -18.81 -26.32
CA ARG A 223 6.26 -17.74 -27.18
C ARG A 223 7.76 -17.47 -27.02
N ALA A 224 8.31 -17.68 -25.81
CA ALA A 224 9.73 -17.54 -25.52
C ALA A 224 10.57 -18.74 -26.00
N GLY A 225 9.91 -19.80 -26.52
CA GLY A 225 10.57 -20.98 -27.12
C GLY A 225 10.74 -22.19 -26.23
N HIS A 226 10.04 -22.20 -25.10
CA HIS A 226 10.14 -23.23 -24.11
C HIS A 226 8.77 -23.64 -23.62
N PRO A 227 7.89 -24.18 -24.50
CA PRO A 227 6.52 -24.52 -24.15
C PRO A 227 6.39 -25.53 -23.03
N GLU A 228 7.50 -26.24 -22.83
CA GLU A 228 7.64 -27.26 -21.81
C GLU A 228 7.86 -26.69 -20.42
N TRP A 229 8.38 -25.45 -20.23
CA TRP A 229 8.59 -24.87 -18.91
C TRP A 229 7.31 -24.85 -18.06
N GLU A 230 7.45 -25.17 -16.77
CA GLU A 230 6.32 -25.17 -15.85
C GLU A 230 6.49 -24.18 -14.72
N LEU A 231 5.35 -23.88 -14.10
CA LEU A 231 5.29 -23.05 -12.90
C LEU A 231 6.12 -23.73 -11.81
N PRO A 232 6.79 -23.03 -10.88
CA PRO A 232 7.71 -23.65 -9.93
C PRO A 232 7.12 -24.76 -9.10
N ASP A 233 7.89 -25.84 -8.95
CA ASP A 233 7.48 -26.99 -8.15
C ASP A 233 8.42 -27.30 -6.99
N ASP A 234 9.40 -26.41 -6.83
CA ASP A 234 10.46 -26.62 -5.87
C ASP A 234 10.66 -25.41 -4.98
N ALA A 235 9.66 -24.55 -4.80
CA ALA A 235 9.91 -23.36 -4.02
C ALA A 235 9.52 -23.52 -2.57
N GLY A 236 9.09 -24.73 -2.19
CA GLY A 236 8.72 -25.01 -0.81
C GLY A 236 7.32 -24.54 -0.41
N LYS A 237 7.23 -24.23 0.88
CA LYS A 237 6.00 -23.85 1.53
C LYS A 237 6.18 -22.57 2.35
N TYR A 238 5.05 -22.01 2.79
CA TYR A 238 4.98 -20.73 3.47
C TYR A 238 6.02 -20.49 4.53
N ASN A 239 6.23 -21.52 5.36
CA ASN A 239 7.12 -21.42 6.50
C ASN A 239 8.51 -21.97 6.32
N ASP A 240 8.89 -22.26 5.07
CA ASP A 240 10.23 -22.65 4.75
C ASP A 240 11.17 -21.47 4.84
N VAL A 241 12.45 -21.86 4.89
CA VAL A 241 13.60 -20.98 4.94
C VAL A 241 14.20 -21.14 3.52
N PRO A 242 14.80 -20.16 2.84
CA PRO A 242 15.13 -20.26 1.42
C PRO A 242 16.14 -21.34 1.05
N GLU A 243 17.12 -21.61 1.92
CA GLU A 243 18.12 -22.64 1.65
C GLU A 243 17.53 -24.03 1.71
N SER A 244 16.37 -24.26 2.33
CA SER A 244 15.81 -25.60 2.28
C SER A 244 14.92 -25.80 1.07
N THR A 245 14.99 -24.91 0.06
CA THR A 245 14.18 -25.02 -1.15
C THR A 245 15.08 -25.09 -2.38
N GLY A 246 14.64 -25.81 -3.40
CA GLY A 246 15.39 -25.91 -4.64
C GLY A 246 15.37 -24.59 -5.39
N PHE A 247 14.28 -23.78 -5.27
CA PHE A 247 14.15 -22.56 -6.06
C PHE A 247 15.04 -21.44 -5.54
N PHE A 248 15.14 -21.26 -4.21
CA PHE A 248 15.89 -20.15 -3.58
C PHE A 248 17.27 -20.47 -3.01
N LYS A 249 17.74 -21.73 -2.94
CA LYS A 249 19.10 -22.01 -2.51
C LYS A 249 20.13 -21.40 -3.49
N SER A 250 21.39 -21.36 -3.05
CA SER A 250 22.57 -20.92 -3.82
C SER A 250 22.59 -21.67 -5.15
N ASN A 251 22.71 -20.97 -6.28
CA ASN A 251 22.64 -21.60 -7.61
C ASN A 251 21.35 -22.42 -7.85
N GLY A 252 20.21 -22.04 -7.22
CA GLY A 252 18.92 -22.70 -7.36
C GLY A 252 18.17 -22.25 -8.59
N THR A 253 16.93 -22.71 -8.76
CA THR A 253 16.13 -22.37 -9.93
C THR A 253 15.92 -20.88 -10.12
N TYR A 254 15.89 -20.02 -9.11
CA TYR A 254 15.65 -18.58 -9.32
C TYR A 254 16.65 -17.88 -10.22
N VAL A 255 17.78 -18.55 -10.42
CA VAL A 255 18.91 -18.00 -11.15
C VAL A 255 19.12 -18.59 -12.54
N THR A 256 18.33 -19.63 -12.88
CA THR A 256 18.33 -20.26 -14.21
C THR A 256 17.52 -19.45 -15.20
N GLU A 257 17.60 -19.74 -16.51
CA GLU A 257 16.76 -19.04 -17.51
C GLU A 257 15.27 -19.15 -17.16
N LYS A 258 14.84 -20.34 -16.74
CA LYS A 258 13.46 -20.65 -16.40
C LYS A 258 13.00 -19.85 -15.21
N GLY A 259 13.85 -19.76 -14.19
CA GLY A 259 13.53 -19.05 -12.97
C GLY A 259 13.41 -17.56 -13.22
N LYS A 260 14.33 -16.97 -14.00
CA LYS A 260 14.32 -15.54 -14.30
C LYS A 260 13.15 -15.15 -15.19
N PHE A 261 12.83 -16.00 -16.18
CA PHE A 261 11.69 -15.74 -17.05
C PHE A 261 10.41 -15.74 -16.21
N PHE A 262 10.23 -16.75 -15.34
CA PHE A 262 9.08 -16.84 -14.46
C PHE A 262 8.98 -15.62 -13.56
N LEU A 263 10.08 -15.19 -12.92
CA LEU A 263 10.05 -14.09 -11.99
C LEU A 263 9.76 -12.77 -12.66
N THR A 264 10.19 -12.62 -13.91
CA THR A 264 9.88 -11.44 -14.70
C THR A 264 8.38 -11.42 -15.04
N TRP A 265 7.83 -12.57 -15.47
CA TRP A 265 6.43 -12.67 -15.80
C TRP A 265 5.54 -12.34 -14.59
N TYR A 266 5.87 -12.98 -13.46
CA TYR A 266 5.14 -12.87 -12.22
C TYR A 266 5.12 -11.45 -11.69
N SER A 267 6.28 -10.78 -11.72
CA SER A 267 6.34 -9.40 -11.23
C SER A 267 5.75 -8.42 -12.23
N ASN A 268 5.81 -8.74 -13.53
CA ASN A 268 5.25 -7.88 -14.55
C ASN A 268 3.74 -7.83 -14.50
N LYS A 269 3.11 -8.91 -14.04
CA LYS A 269 1.68 -8.95 -13.87
C LYS A 269 1.20 -7.87 -12.89
N LEU A 270 1.98 -7.57 -11.82
CA LEU A 270 1.62 -6.55 -10.86
C LEU A 270 1.82 -5.14 -11.40
N LEU A 271 2.84 -4.89 -12.21
CA LEU A 271 3.03 -3.58 -12.75
C LEU A 271 1.90 -3.21 -13.66
N ASN A 272 1.49 -4.17 -14.50
CA ASN A 272 0.41 -3.95 -15.44
C ASN A 272 -0.95 -3.86 -14.80
N HIS A 273 -1.20 -4.64 -13.75
CA HIS A 273 -2.41 -4.59 -12.94
C HIS A 273 -2.51 -3.19 -12.32
N GLY A 274 -1.40 -2.74 -11.74
CA GLY A 274 -1.30 -1.42 -11.16
C GLY A 274 -1.53 -0.34 -12.20
N ASP A 275 -0.86 -0.44 -13.35
CA ASP A 275 -0.96 0.58 -14.39
C ASP A 275 -2.37 0.76 -14.96
N GLN A 276 -3.07 -0.35 -15.24
CA GLN A 276 -4.42 -0.30 -15.82
C GLN A 276 -5.50 0.21 -14.87
N ILE A 277 -5.48 -0.15 -13.60
CA ILE A 277 -6.48 0.34 -12.66
C ILE A 277 -6.20 1.81 -12.34
N LEU A 278 -4.93 2.25 -12.18
CA LEU A 278 -4.61 3.67 -12.01
C LEU A 278 -5.05 4.50 -13.22
N ASP A 279 -5.10 3.90 -14.42
CA ASP A 279 -5.66 4.58 -15.58
C ASP A 279 -7.11 4.95 -15.37
N GLU A 280 -7.88 3.99 -14.82
CA GLU A 280 -9.28 4.18 -14.50
C GLU A 280 -9.51 5.17 -13.36
N ALA A 281 -8.60 5.18 -12.36
CA ALA A 281 -8.68 6.09 -11.22
C ALA A 281 -8.41 7.53 -11.64
N ASN A 282 -7.50 7.70 -12.60
CA ASN A 282 -7.20 8.99 -13.15
C ASN A 282 -8.41 9.54 -13.91
N LYS A 283 -9.14 8.66 -14.62
CA LYS A 283 -10.34 9.07 -15.35
C LYS A 283 -11.48 9.43 -14.42
N ALA A 284 -11.69 8.63 -13.37
CA ALA A 284 -12.75 8.85 -12.43
C ALA A 284 -12.59 10.14 -11.67
N PHE A 285 -11.35 10.48 -11.32
CA PHE A 285 -11.12 11.63 -10.47
C PHE A 285 -10.52 12.81 -11.21
N LEU A 286 -10.52 12.72 -12.55
CA LEU A 286 -9.99 13.76 -13.40
C LEU A 286 -10.59 15.13 -13.08
N GLY A 287 -9.76 16.14 -12.85
CA GLY A 287 -10.26 17.49 -12.57
C GLY A 287 -10.42 17.77 -11.08
N CYS A 288 -10.38 16.76 -10.22
CA CYS A 288 -10.58 16.96 -8.78
C CYS A 288 -9.31 17.43 -8.10
N LYS A 289 -9.37 18.19 -6.99
CA LYS A 289 -8.19 18.57 -6.23
C LYS A 289 -7.85 17.46 -5.22
N VAL A 290 -7.26 16.43 -5.83
CA VAL A 290 -6.92 15.18 -5.18
C VAL A 290 -5.62 14.69 -5.80
N LYS A 291 -4.80 13.98 -5.04
CA LYS A 291 -3.65 13.25 -5.55
C LYS A 291 -4.03 11.76 -5.53
N LEU A 292 -3.42 10.91 -6.35
CA LEU A 292 -3.68 9.48 -6.35
C LEU A 292 -2.48 8.83 -5.64
N ALA A 293 -2.70 7.67 -5.01
CA ALA A 293 -1.67 6.94 -4.32
C ALA A 293 -1.91 5.45 -4.42
N ILE A 294 -0.84 4.67 -4.28
CA ILE A 294 -0.96 3.23 -4.13
C ILE A 294 -0.11 2.84 -2.93
N LYS A 295 -0.37 1.67 -2.34
CA LYS A 295 0.42 1.17 -1.23
C LYS A 295 1.30 0.00 -1.62
N VAL A 296 2.61 0.10 -1.40
CA VAL A 296 3.54 -1.00 -1.61
C VAL A 296 3.87 -1.60 -0.23
N SER A 297 3.89 -2.93 -0.13
CA SER A 297 4.24 -3.60 1.12
C SER A 297 5.76 -3.62 1.40
N GLY A 298 6.14 -3.45 2.66
CA GLY A 298 7.53 -3.49 3.14
C GLY A 298 7.81 -4.91 3.66
N ILE A 299 8.50 -5.69 2.82
CA ILE A 299 8.83 -7.10 3.08
C ILE A 299 10.35 -7.20 3.20
N HIS A 300 10.71 -7.02 4.47
CA HIS A 300 12.07 -6.89 4.93
C HIS A 300 12.79 -8.15 5.35
N TRP A 301 12.08 -9.26 5.62
CA TRP A 301 12.74 -10.50 5.98
C TRP A 301 13.32 -11.12 4.70
N TRP A 302 14.55 -11.68 4.81
CA TRP A 302 15.43 -12.27 3.78
C TRP A 302 15.93 -11.26 2.79
N TYR A 303 15.83 -9.98 3.17
CA TYR A 303 16.34 -8.86 2.36
C TYR A 303 17.86 -8.86 2.41
N LYS A 304 18.41 -9.31 3.54
CA LYS A 304 19.84 -9.42 3.75
C LYS A 304 20.46 -10.68 3.18
N VAL A 305 19.76 -11.57 2.45
CA VAL A 305 20.40 -12.68 1.76
C VAL A 305 20.17 -12.48 0.26
N GLU A 306 21.02 -13.07 -0.57
CA GLU A 306 20.97 -12.88 -2.01
C GLU A 306 19.66 -13.15 -2.72
N ASN A 307 18.94 -14.12 -2.20
CA ASN A 307 17.70 -14.55 -2.82
C ASN A 307 16.47 -13.69 -2.58
N HIS A 308 16.37 -12.84 -1.51
CA HIS A 308 15.23 -11.93 -1.25
C HIS A 308 13.90 -12.65 -1.44
N ALA A 309 13.84 -13.85 -0.86
CA ALA A 309 12.77 -14.78 -1.15
C ALA A 309 11.36 -14.34 -0.83
N ALA A 310 11.18 -13.63 0.29
CA ALA A 310 9.85 -13.15 0.70
C ALA A 310 9.37 -12.06 -0.26
N GLU A 311 10.32 -11.20 -0.63
CA GLU A 311 10.04 -10.21 -1.65
C GLU A 311 9.67 -10.88 -2.97
N LEU A 312 10.45 -11.85 -3.45
CA LEU A 312 10.11 -12.47 -4.72
C LEU A 312 8.76 -13.20 -4.66
N THR A 313 8.34 -13.95 -3.61
CA THR A 313 7.03 -14.61 -3.62
C THR A 313 5.83 -13.63 -3.58
N ALA A 314 6.08 -12.44 -3.00
CA ALA A 314 5.10 -11.34 -2.98
C ALA A 314 4.92 -10.64 -4.32
N GLY A 315 5.90 -10.81 -5.20
CA GLY A 315 5.81 -10.26 -6.55
C GLY A 315 6.78 -9.12 -6.79
N TYR A 316 7.65 -8.77 -5.83
CA TYR A 316 8.65 -7.73 -5.99
C TYR A 316 9.94 -8.45 -6.36
N TYR A 317 10.31 -8.32 -7.65
CA TYR A 317 11.48 -9.05 -8.15
C TYR A 317 12.69 -8.19 -7.91
N ASN A 318 13.06 -8.22 -6.65
CA ASN A 318 14.11 -7.40 -6.15
C ASN A 318 15.27 -8.28 -5.66
N LEU A 319 16.44 -8.07 -6.28
CA LEU A 319 17.69 -8.73 -5.92
C LEU A 319 18.77 -7.67 -5.69
N ASN A 320 19.97 -8.06 -5.22
CA ASN A 320 21.03 -7.09 -5.02
C ASN A 320 21.54 -6.40 -6.29
N ASP A 321 21.22 -6.99 -7.45
CA ASP A 321 21.64 -6.50 -8.74
C ASP A 321 20.48 -6.25 -9.70
N ARG A 322 19.26 -6.19 -9.15
CA ARG A 322 18.09 -5.97 -9.97
C ARG A 322 17.12 -5.19 -9.09
N ASP A 323 16.90 -3.90 -9.32
CA ASP A 323 15.96 -3.12 -8.52
C ASP A 323 14.51 -3.47 -8.87
N GLY A 324 13.77 -4.05 -7.95
CA GLY A 324 12.38 -4.43 -8.23
C GLY A 324 11.37 -3.39 -7.77
N TYR A 325 11.79 -2.28 -7.16
CA TYR A 325 10.89 -1.26 -6.70
C TYR A 325 10.92 -0.05 -7.60
N ARG A 326 12.08 0.35 -8.14
CA ARG A 326 12.07 1.53 -8.98
C ARG A 326 11.27 1.35 -10.28
N PRO A 327 11.00 0.18 -10.93
CA PRO A 327 10.00 0.08 -11.98
C PRO A 327 8.60 0.51 -11.54
N ILE A 328 8.20 0.24 -10.28
CA ILE A 328 6.90 0.62 -9.77
C ILE A 328 6.87 2.14 -9.66
N ALA A 329 7.87 2.83 -9.11
CA ALA A 329 7.96 4.29 -9.08
C ALA A 329 7.88 5.00 -10.44
N ARG A 330 8.52 4.44 -11.45
CA ARG A 330 8.49 4.93 -12.81
C ARG A 330 7.08 4.83 -13.41
N MET A 331 6.39 3.72 -13.17
CA MET A 331 5.02 3.51 -13.60
C MET A 331 4.10 4.55 -12.97
N LEU A 332 4.30 4.83 -11.68
CA LEU A 332 3.48 5.81 -10.96
C LEU A 332 3.69 7.24 -11.46
N SER A 333 4.86 7.55 -12.03
CA SER A 333 5.09 8.89 -12.54
C SER A 333 4.19 9.26 -13.69
N ARG A 334 3.70 8.38 -14.59
CA ARG A 334 2.83 8.84 -15.65
C ARG A 334 1.47 9.17 -15.09
N HIS A 335 1.15 8.61 -13.92
CA HIS A 335 -0.07 8.92 -13.23
C HIS A 335 0.09 10.02 -12.19
N HIS A 336 1.28 10.61 -12.00
CA HIS A 336 1.54 11.66 -11.02
C HIS A 336 1.14 11.21 -9.60
N ALA A 337 1.34 9.92 -9.36
CA ALA A 337 0.93 9.32 -8.11
C ALA A 337 2.04 9.20 -7.09
N ILE A 338 1.55 9.03 -5.85
CA ILE A 338 2.32 8.88 -4.62
C ILE A 338 2.57 7.39 -4.31
N LEU A 339 3.84 7.04 -4.02
CA LEU A 339 4.19 5.69 -3.54
C LEU A 339 4.08 5.74 -2.01
N ASN A 340 3.09 5.05 -1.43
CA ASN A 340 2.95 4.97 0.00
C ASN A 340 3.56 3.62 0.45
N PHE A 341 4.59 3.72 1.25
CA PHE A 341 5.32 2.55 1.68
C PHE A 341 5.08 2.30 3.16
N THR A 342 5.56 1.19 3.73
CA THR A 342 5.42 0.88 5.16
C THR A 342 6.78 0.56 5.85
N CYS A 343 6.85 0.16 7.13
CA CYS A 343 8.08 -0.16 7.90
C CYS A 343 8.94 1.03 8.26
N LEU A 344 8.38 2.23 8.16
CA LEU A 344 9.09 3.46 8.46
C LEU A 344 9.56 3.59 9.89
N GLU A 345 8.94 2.83 10.79
CA GLU A 345 9.32 2.84 12.20
C GLU A 345 10.38 1.81 12.62
N MET A 346 10.66 0.82 11.77
CA MET A 346 11.46 -0.32 12.16
C MET A 346 12.97 -0.19 12.10
N ARG A 347 13.65 -0.74 13.10
CA ARG A 347 15.10 -0.83 13.07
C ARG A 347 15.44 -2.30 12.95
N ASP A 348 16.53 -2.52 12.24
CA ASP A 348 17.05 -3.85 11.98
C ASP A 348 17.33 -4.62 13.26
N SER A 349 17.87 -3.89 14.26
CA SER A 349 18.17 -4.40 15.59
C SER A 349 16.98 -4.98 16.35
N GLU A 350 15.76 -4.67 15.92
CA GLU A 350 14.54 -5.18 16.54
C GLU A 350 14.07 -6.49 15.94
N GLN A 351 14.67 -6.93 14.84
CA GLN A 351 14.23 -8.14 14.19
C GLN A 351 15.03 -9.31 14.70
N PRO A 352 14.44 -10.51 14.85
CA PRO A 352 15.19 -11.74 15.16
C PRO A 352 16.26 -11.96 14.10
N SER A 353 17.48 -12.24 14.56
CA SER A 353 18.66 -12.37 13.71
C SER A 353 18.55 -13.35 12.53
N ASP A 354 17.83 -14.46 12.75
CA ASP A 354 17.68 -15.49 11.75
C ASP A 354 16.64 -15.18 10.65
N ALA A 355 15.99 -14.03 10.73
CA ALA A 355 15.06 -13.59 9.70
C ALA A 355 15.80 -12.94 8.54
N LYS A 356 17.08 -12.55 8.72
CA LYS A 356 17.91 -11.85 7.73
C LYS A 356 17.18 -10.63 7.21
N SER A 357 16.74 -9.88 8.22
CA SER A 357 15.85 -8.77 8.03
C SER A 357 16.49 -7.39 7.90
N GLY A 358 16.13 -6.66 6.83
CA GLY A 358 16.74 -5.35 6.57
C GLY A 358 15.79 -4.18 6.36
N PRO A 359 14.83 -3.86 7.28
CA PRO A 359 13.83 -2.80 7.12
C PRO A 359 14.42 -1.43 6.84
N GLN A 360 15.49 -1.05 7.55
CA GLN A 360 16.13 0.21 7.32
C GLN A 360 16.72 0.34 5.94
N GLU A 361 17.31 -0.73 5.41
CA GLU A 361 17.90 -0.67 4.08
C GLU A 361 16.87 -0.76 2.99
N LEU A 362 15.78 -1.49 3.27
CA LEU A 362 14.70 -1.65 2.32
C LEU A 362 14.06 -0.28 2.14
N VAL A 363 13.80 0.43 3.25
CA VAL A 363 13.22 1.76 3.20
C VAL A 363 14.10 2.73 2.41
N GLN A 364 15.43 2.73 2.66
CA GLN A 364 16.35 3.62 1.96
C GLN A 364 16.38 3.34 0.49
N GLN A 365 16.33 2.06 0.10
CA GLN A 365 16.26 1.70 -1.30
C GLN A 365 14.95 2.18 -1.94
N VAL A 366 13.77 1.94 -1.34
CA VAL A 366 12.48 2.29 -1.95
C VAL A 366 12.25 3.80 -2.00
N LEU A 367 12.54 4.56 -0.94
CA LEU A 367 12.31 5.99 -0.99
C LEU A 367 13.31 6.65 -1.93
N SER A 368 14.60 6.22 -1.98
CA SER A 368 15.57 6.77 -2.91
C SER A 368 15.19 6.51 -4.36
N GLY A 369 14.65 5.32 -4.64
CA GLY A 369 14.13 4.95 -5.95
C GLY A 369 13.01 5.89 -6.39
N GLY A 370 12.11 6.22 -5.45
CA GLY A 370 11.04 7.16 -5.72
C GLY A 370 11.53 8.58 -5.91
N TRP A 371 12.44 9.11 -5.08
CA TRP A 371 12.91 10.46 -5.30
C TRP A 371 13.75 10.59 -6.56
N ARG A 372 14.44 9.53 -6.98
CA ARG A 372 15.21 9.51 -8.20
C ARG A 372 14.35 9.55 -9.47
N GLU A 373 13.18 8.92 -9.40
CA GLU A 373 12.19 8.90 -10.46
C GLU A 373 11.28 10.13 -10.46
N ASP A 374 11.49 10.97 -9.45
CA ASP A 374 10.79 12.20 -9.18
C ASP A 374 9.29 12.04 -8.95
N ILE A 375 8.93 11.12 -8.06
CA ILE A 375 7.55 11.02 -7.65
C ILE A 375 7.52 11.37 -6.16
N ARG A 376 6.33 11.42 -5.60
CA ARG A 376 6.22 11.76 -4.20
C ARG A 376 6.09 10.49 -3.44
N VAL A 377 6.78 10.46 -2.32
CA VAL A 377 6.84 9.31 -1.44
C VAL A 377 6.25 9.58 -0.05
N ALA A 378 5.32 8.74 0.36
CA ALA A 378 4.69 8.81 1.67
C ALA A 378 4.90 7.49 2.41
N GLY A 379 4.48 7.35 3.67
CA GLY A 379 4.68 6.10 4.35
C GLY A 379 3.89 5.96 5.63
N GLU A 380 3.89 4.72 6.12
CA GLU A 380 3.19 4.34 7.32
C GLU A 380 4.11 3.51 8.17
N ASN A 381 3.75 3.36 9.43
CA ASN A 381 4.38 2.38 10.26
C ASN A 381 3.60 1.07 10.01
N ALA A 382 4.28 -0.07 10.09
CA ALA A 382 3.68 -1.39 9.88
C ALA A 382 2.96 -1.98 11.10
N LEU A 383 3.53 -1.80 12.29
CA LEU A 383 2.93 -2.31 13.52
C LEU A 383 2.71 -1.16 14.50
N PRO A 384 1.76 -1.28 15.42
CA PRO A 384 1.48 -0.26 16.41
C PRO A 384 2.62 -0.05 17.38
N ARG A 385 3.04 1.20 17.43
CA ARG A 385 4.12 1.60 18.33
C ARG A 385 3.78 2.94 18.95
N TYR A 386 4.10 3.01 20.24
CA TYR A 386 3.83 4.17 21.07
C TYR A 386 5.10 4.76 21.66
N ASP A 387 6.27 4.18 21.36
CA ASP A 387 7.52 4.66 21.95
C ASP A 387 8.34 5.64 21.13
N ALA A 388 9.13 6.41 21.87
CA ALA A 388 9.99 7.38 21.24
C ALA A 388 10.98 6.82 20.26
N THR A 389 11.47 5.58 20.39
CA THR A 389 12.46 5.15 19.41
C THR A 389 11.75 4.88 18.11
N ALA A 390 10.50 4.39 18.13
CA ALA A 390 9.73 4.23 16.91
C ALA A 390 9.51 5.58 16.27
N TYR A 391 9.13 6.61 17.05
CA TYR A 391 8.82 7.89 16.44
C TYR A 391 10.02 8.57 15.83
N ASN A 392 11.20 8.51 16.48
CA ASN A 392 12.43 9.09 15.95
C ASN A 392 12.92 8.42 14.66
N GLN A 393 12.59 7.13 14.47
CA GLN A 393 12.91 6.45 13.22
C GLN A 393 12.00 6.93 12.07
N ILE A 394 10.72 7.19 12.36
CA ILE A 394 9.80 7.75 11.38
C ILE A 394 10.26 9.17 11.04
N ILE A 395 10.65 10.00 12.01
CA ILE A 395 11.12 11.37 11.73
C ILE A 395 12.41 11.34 10.90
N LEU A 396 13.28 10.35 11.13
CA LEU A 396 14.50 10.23 10.32
C LEU A 396 14.16 9.89 8.87
N ASN A 397 13.33 8.87 8.61
CA ASN A 397 12.92 8.56 7.25
C ASN A 397 12.13 9.67 6.56
N ALA A 398 11.38 10.51 7.31
CA ALA A 398 10.59 11.61 6.77
C ALA A 398 11.48 12.70 6.23
N ARG A 399 12.63 12.95 6.88
CA ARG A 399 13.60 13.93 6.41
C ARG A 399 15.03 13.39 6.58
N PRO A 400 15.49 12.51 5.66
CA PRO A 400 16.69 11.68 5.73
C PRO A 400 17.99 12.40 5.99
N GLN A 401 18.10 13.61 5.43
CA GLN A 401 19.24 14.49 5.60
C GLN A 401 18.93 15.68 6.52
N GLY A 402 17.91 15.57 7.39
CA GLY A 402 17.56 16.60 8.36
C GLY A 402 16.80 17.83 7.85
N VAL A 403 16.72 18.86 8.70
CA VAL A 403 16.03 20.09 8.40
C VAL A 403 16.97 21.04 7.69
N ASN A 404 16.46 21.77 6.69
CA ASN A 404 17.22 22.82 6.06
C ASN A 404 16.79 24.13 6.71
N ASN A 405 17.77 24.76 7.32
CA ASN A 405 17.51 26.02 8.00
C ASN A 405 17.33 27.18 7.04
N ASN A 406 17.81 26.99 5.79
CA ASN A 406 17.80 28.02 4.76
C ASN A 406 17.05 27.59 3.49
N GLY A 407 15.93 26.87 3.69
CA GLY A 407 15.10 26.43 2.58
C GLY A 407 14.28 25.16 2.83
N PRO A 408 13.75 24.52 1.78
CA PRO A 408 13.19 23.18 1.84
C PRO A 408 14.28 22.12 2.00
N PRO A 409 14.08 20.95 2.65
CA PRO A 409 15.06 19.87 2.77
C PRO A 409 15.48 19.34 1.40
N LYS A 410 16.66 18.77 1.07
CA LYS A 410 16.83 18.22 -0.30
C LYS A 410 15.87 17.04 -0.57
N LEU A 411 15.66 16.25 0.51
CA LEU A 411 14.81 15.08 0.46
C LEU A 411 13.82 15.14 1.61
N SER A 412 12.52 14.96 1.35
CA SER A 412 11.50 14.86 2.40
C SER A 412 10.34 14.03 1.93
N MET A 413 9.64 13.34 2.84
CA MET A 413 8.47 12.58 2.44
C MET A 413 7.28 13.53 2.30
N PHE A 414 6.30 13.17 1.45
CA PHE A 414 5.10 13.94 1.19
C PHE A 414 4.13 13.86 2.38
N GLY A 415 4.25 12.82 3.20
CA GLY A 415 3.43 12.71 4.40
C GLY A 415 3.64 11.35 5.04
N VAL A 416 3.13 11.20 6.28
CA VAL A 416 3.20 9.96 7.02
C VAL A 416 1.84 9.72 7.63
N THR A 417 1.26 8.52 7.48
CA THR A 417 0.04 8.11 8.13
C THR A 417 0.36 7.18 9.29
N TYR A 418 0.00 7.55 10.53
CA TYR A 418 0.23 6.73 11.70
C TYR A 418 -0.89 5.72 11.87
N LEU A 419 -0.52 4.46 12.08
CA LEU A 419 -1.50 3.41 12.18
C LEU A 419 -1.87 3.10 13.59
N ARG A 420 -3.11 3.58 13.46
CA ARG A 420 -4.29 3.58 14.26
C ARG A 420 -4.49 4.33 15.54
N LEU A 421 -5.65 4.98 15.37
CA LEU A 421 -6.34 5.68 16.43
C LEU A 421 -6.91 4.56 17.27
N SER A 422 -6.50 4.58 18.55
CA SER A 422 -6.98 3.63 19.56
C SER A 422 -6.96 4.28 20.94
N ASP A 423 -7.59 3.63 21.93
CA ASP A 423 -7.59 4.14 23.30
C ASP A 423 -6.24 4.11 23.93
N ASP A 424 -5.38 3.24 23.37
CA ASP A 424 -4.00 3.17 23.78
C ASP A 424 -3.28 4.43 23.35
N LEU A 425 -3.47 4.94 22.12
CA LEU A 425 -2.84 6.17 21.66
C LEU A 425 -3.25 7.37 22.49
N LEU A 426 -4.54 7.41 22.78
CA LEU A 426 -5.13 8.49 23.54
C LEU A 426 -4.88 8.40 25.03
N GLN A 427 -4.20 7.35 25.51
CA GLN A 427 -3.84 7.28 26.90
C GLN A 427 -2.83 8.39 27.17
N LYS A 428 -2.87 9.00 28.36
CA LYS A 428 -2.09 10.19 28.68
C LYS A 428 -0.59 10.17 28.39
N SER A 429 0.23 9.26 28.93
CA SER A 429 1.65 9.25 28.61
C SER A 429 1.89 8.94 27.13
N ASN A 430 1.09 8.05 26.52
CA ASN A 430 1.26 7.77 25.10
C ASN A 430 0.97 8.96 24.20
N PHE A 431 -0.10 9.71 24.49
CA PHE A 431 -0.51 10.83 23.67
C PHE A 431 0.42 12.02 23.86
N ASN A 432 1.04 12.18 25.02
CA ASN A 432 2.09 13.18 25.17
C ASN A 432 3.29 12.99 24.28
N ILE A 433 3.69 11.72 24.09
CA ILE A 433 4.80 11.40 23.22
C ILE A 433 4.34 11.57 21.78
N PHE A 434 3.12 11.16 21.41
CA PHE A 434 2.62 11.39 20.06
C PHE A 434 2.54 12.88 19.69
N LYS A 435 2.20 13.75 20.64
CA LYS A 435 2.12 15.18 20.37
C LYS A 435 3.49 15.73 20.06
N LYS A 436 4.55 15.23 20.73
CA LYS A 436 5.90 15.66 20.42
C LYS A 436 6.38 15.18 19.06
N PHE A 437 5.96 13.98 18.68
CA PHE A 437 6.21 13.43 17.35
C PHE A 437 5.55 14.31 16.29
N VAL A 438 4.30 14.76 16.50
CA VAL A 438 3.60 15.58 15.51
C VAL A 438 4.34 16.89 15.37
N LEU A 439 4.81 17.44 16.49
CA LEU A 439 5.57 18.68 16.48
C LEU A 439 6.86 18.64 15.68
N LYS A 440 7.63 17.55 15.88
CA LYS A 440 8.93 17.35 15.24
C LYS A 440 8.76 17.07 13.76
N MET A 441 7.72 16.32 13.35
CA MET A 441 7.31 16.15 11.96
C MET A 441 7.01 17.49 11.28
N HIS A 442 6.39 18.39 12.04
CA HIS A 442 6.09 19.73 11.59
C HIS A 442 7.30 20.67 11.72
N ALA A 443 8.47 20.09 12.04
CA ALA A 443 9.75 20.77 12.15
C ALA A 443 9.70 21.86 13.19
N ASP A 444 9.08 21.57 14.35
CA ASP A 444 8.79 22.53 15.43
C ASP A 444 7.86 23.72 15.19
N GLN A 445 7.11 23.67 14.10
CA GLN A 445 6.16 24.70 13.78
C GLN A 445 4.84 24.22 14.28
N ASP A 446 3.99 25.20 14.51
CA ASP A 446 2.60 24.95 14.84
C ASP A 446 1.90 24.38 13.62
N TYR A 447 0.77 23.72 13.88
CA TYR A 447 -0.08 23.15 12.88
C TYR A 447 -0.37 24.21 11.85
N CYS A 448 -0.28 23.84 10.58
CA CYS A 448 -0.44 24.78 9.50
C CYS A 448 -1.56 24.27 8.65
N ALA A 449 -2.64 25.03 8.77
CA ALA A 449 -3.87 24.71 8.11
C ALA A 449 -3.93 24.77 6.61
N ASN A 450 -3.18 25.73 6.04
CA ASN A 450 -3.08 25.95 4.60
C ASN A 450 -1.82 25.28 4.06
N PRO A 451 -2.00 24.19 3.32
CA PRO A 451 -0.94 23.39 2.74
C PRO A 451 -0.08 24.14 1.78
N GLN A 452 -0.64 25.18 1.16
CA GLN A 452 0.09 26.02 0.22
C GLN A 452 1.28 26.67 0.92
N LYS A 453 1.16 27.02 2.20
CA LYS A 453 2.28 27.59 2.92
C LYS A 453 3.51 26.68 2.99
N TYR A 454 3.33 25.36 3.03
CA TYR A 454 4.47 24.48 3.05
C TYR A 454 4.67 23.74 1.74
N ASN A 455 4.14 24.35 0.68
CA ASN A 455 4.30 23.90 -0.69
C ASN A 455 3.70 22.53 -1.00
N HIS A 456 2.49 22.36 -0.47
CA HIS A 456 1.70 21.18 -0.71
C HIS A 456 0.35 21.53 -1.30
N ALA A 457 0.24 22.56 -2.14
CA ALA A 457 -1.08 22.89 -2.68
C ALA A 457 -1.50 21.80 -3.66
N ILE A 458 -2.79 21.45 -3.69
CA ILE A 458 -3.24 20.41 -4.63
C ILE A 458 -4.06 21.10 -5.69
N THR A 459 -3.53 20.80 -6.86
CA THR A 459 -4.06 21.25 -8.11
C THR A 459 -5.12 20.25 -8.56
N PRO A 460 -5.93 20.60 -9.57
CA PRO A 460 -6.70 19.65 -10.35
C PRO A 460 -5.90 18.49 -10.93
N LEU A 461 -6.47 17.29 -10.78
CA LEU A 461 -5.87 16.08 -11.29
C LEU A 461 -5.88 16.13 -12.82
N LYS A 462 -4.65 16.12 -13.29
CA LYS A 462 -4.34 16.12 -14.70
C LYS A 462 -4.53 14.72 -15.24
N PRO A 463 -4.87 14.54 -16.53
CA PRO A 463 -4.88 13.24 -17.18
C PRO A 463 -3.51 12.55 -17.20
N SER A 464 -3.53 11.22 -17.10
CA SER A 464 -2.32 10.42 -17.09
C SER A 464 -1.45 10.70 -18.29
N ALA A 465 -0.14 10.89 -18.06
CA ALA A 465 0.79 10.96 -19.16
C ALA A 465 0.78 9.62 -19.90
N PRO A 466 1.30 9.51 -21.14
CA PRO A 466 1.20 8.30 -21.97
C PRO A 466 1.82 7.04 -21.39
N LYS A 467 1.29 5.93 -21.89
CA LYS A 467 1.76 4.62 -21.49
C LYS A 467 3.25 4.53 -21.80
N ILE A 468 3.91 4.17 -20.71
CA ILE A 468 5.32 3.86 -20.74
C ILE A 468 5.39 2.36 -21.07
N PRO A 469 6.04 1.92 -22.16
CA PRO A 469 6.29 0.51 -22.48
C PRO A 469 7.02 -0.27 -21.39
N ILE A 470 6.71 -1.56 -21.24
CA ILE A 470 7.32 -2.33 -20.18
C ILE A 470 8.84 -2.36 -20.26
N GLU A 471 9.49 -2.26 -21.42
CA GLU A 471 10.94 -2.32 -21.43
C GLU A 471 11.55 -1.04 -20.93
N VAL A 472 10.81 0.05 -20.98
CA VAL A 472 11.30 1.32 -20.44
C VAL A 472 11.06 1.31 -18.95
N LEU A 473 10.00 0.66 -18.52
CA LEU A 473 9.75 0.50 -17.10
C LEU A 473 10.87 -0.33 -16.48
N LEU A 474 11.25 -1.41 -17.18
CA LEU A 474 12.27 -2.32 -16.71
C LEU A 474 13.69 -1.81 -16.84
N GLU A 475 13.99 -0.67 -17.49
CA GLU A 475 15.29 -0.02 -17.39
C GLU A 475 15.53 0.53 -15.99
N ALA A 476 14.47 0.75 -15.21
CA ALA A 476 14.61 1.21 -13.84
C ALA A 476 15.05 0.11 -12.86
N THR A 477 15.25 -1.13 -13.38
CA THR A 477 15.84 -2.21 -12.60
C THR A 477 17.36 -2.03 -12.44
N LYS A 478 18.01 -1.09 -13.15
CA LYS A 478 19.44 -0.86 -13.01
C LYS A 478 19.74 -0.39 -11.58
N PRO A 479 20.60 -1.04 -10.75
CA PRO A 479 20.80 -0.68 -9.36
C PRO A 479 21.50 0.65 -9.26
N THR A 480 21.05 1.46 -8.31
CA THR A 480 21.63 2.76 -8.05
C THR A 480 21.97 2.78 -6.56
N LEU A 481 22.87 3.66 -6.18
CA LEU A 481 23.21 3.80 -4.79
C LEU A 481 22.16 4.71 -4.16
N PRO A 482 21.65 4.39 -2.95
CA PRO A 482 20.63 5.18 -2.26
C PRO A 482 21.14 6.56 -1.83
N PHE A 483 20.26 7.49 -1.55
CA PHE A 483 20.71 8.78 -1.03
C PHE A 483 21.25 8.58 0.38
N PRO A 484 22.14 9.44 0.85
CA PRO A 484 22.74 9.36 2.17
C PRO A 484 21.72 9.64 3.26
N TRP A 485 21.74 8.77 4.26
CA TRP A 485 20.92 8.94 5.44
C TRP A 485 21.82 9.33 6.61
N LEU A 486 21.25 10.22 7.39
CA LEU A 486 21.76 10.63 8.70
C LEU A 486 21.63 9.40 9.60
N PRO A 487 22.51 9.21 10.57
CA PRO A 487 22.44 8.14 11.57
C PRO A 487 21.19 8.09 12.46
N GLU A 488 20.80 9.30 12.79
CA GLU A 488 19.64 9.59 13.59
C GLU A 488 19.19 11.01 13.22
N THR A 489 17.91 11.26 13.48
CA THR A 489 17.35 12.55 13.15
C THR A 489 17.87 13.66 14.04
N ASP A 490 17.84 14.85 13.44
CA ASP A 490 18.14 16.06 14.14
C ASP A 490 16.90 16.60 14.84
N MET A 491 15.70 16.03 14.62
CA MET A 491 14.46 16.50 15.24
C MET A 491 13.86 15.38 16.07
N LYS A 492 14.55 15.18 17.18
CA LYS A 492 14.25 14.13 18.12
C LYS A 492 13.10 14.40 19.09
N VAL A 493 12.23 13.43 19.23
CA VAL A 493 11.18 13.44 20.22
C VAL A 493 11.74 13.49 21.63
N ASP A 494 12.77 12.64 21.83
CA ASP A 494 13.51 12.37 23.07
C ASP A 494 12.82 11.43 24.08
N GLY A 495 13.35 10.19 24.00
CA GLY A 495 13.12 8.97 24.82
C GLY A 495 11.95 8.65 25.78
#